data_2VOC
#
_entry.id   2VOC
#
_cell.length_a   36.765
_cell.length_b   38.395
_cell.length_c   41.878
_cell.angle_alpha   83.33
_cell.angle_beta   66.62
_cell.angle_gamma   78.08
#
_symmetry.space_group_name_H-M   'P 1'
#
loop_
_entity.id
_entity.type
_entity.pdbx_description
1 polymer THIOREDOXIN
2 non-polymer DI(HYDROXYETHYL)ETHER
3 water water
#
_entity_poly.entity_id   1
_entity_poly.type   'polypeptide(L)'
_entity_poly.pdbx_seq_one_letter_code
;MAIVKATDQSFSAETSEGVVLADFWAPWCGPSKMIAPVLEELDQEMGDKLKIVKIDVDENQETAGKYGVMSIPTLLVLKD
GEVVETSVGFKPKEALQELVNKHLLEHHHHHH
;
_entity_poly.pdbx_strand_id   A,B
#
loop_
_chem_comp.id
_chem_comp.type
_chem_comp.name
_chem_comp.formula
PEG non-polymer DI(HYDROXYETHYL)ETHER 'C4 H10 O3'
#
# COMPACT_ATOMS: atom_id res chain seq x y z
N ALA A 2 -3.46 -23.47 -1.18
CA ALA A 2 -2.03 -23.17 -1.15
C ALA A 2 -1.77 -22.00 -2.08
N ILE A 3 -1.67 -20.83 -1.47
CA ILE A 3 -1.17 -19.63 -2.11
C ILE A 3 0.31 -19.90 -2.41
N VAL A 4 0.73 -19.56 -3.61
CA VAL A 4 2.13 -19.72 -3.99
C VAL A 4 2.91 -18.43 -3.79
N LYS A 5 4.14 -18.53 -3.27
CA LYS A 5 5.10 -17.42 -3.19
C LYS A 5 5.95 -17.50 -4.43
N ALA A 6 5.85 -16.52 -5.32
CA ALA A 6 6.70 -16.50 -6.52
C ALA A 6 7.90 -15.61 -6.40
N THR A 7 8.89 -15.89 -7.24
CA THR A 7 10.11 -15.09 -7.36
C THR A 7 10.18 -14.56 -8.78
N ASP A 8 11.11 -13.65 -9.02
CA ASP A 8 11.29 -13.18 -10.39
C ASP A 8 11.50 -14.37 -11.35
N GLN A 9 12.22 -15.39 -10.89
CA GLN A 9 12.54 -16.52 -11.76
C GLN A 9 11.34 -17.41 -12.01
N SER A 10 10.52 -17.54 -10.98
CA SER A 10 9.37 -18.49 -11.05
C SER A 10 8.04 -17.90 -11.47
N PHE A 11 7.95 -16.59 -11.52
CA PHE A 11 6.64 -15.95 -11.75
C PHE A 11 5.93 -16.39 -13.03
N SER A 12 6.71 -16.44 -14.12
CA SER A 12 6.16 -16.84 -15.43
C SER A 12 5.55 -18.19 -15.38
N ALA A 13 6.31 -19.17 -14.88
CA ALA A 13 5.78 -20.53 -14.85
C ALA A 13 4.54 -20.57 -13.98
N GLU A 14 4.63 -19.87 -12.84
CA GLU A 14 3.58 -20.02 -11.84
C GLU A 14 2.28 -19.44 -12.33
N THR A 15 2.36 -18.48 -13.25
CA THR A 15 1.14 -17.74 -13.65
C THR A 15 0.64 -18.12 -15.02
N SER A 16 1.36 -19.02 -15.68
CA SER A 16 1.14 -19.25 -17.12
C SER A 16 -0.09 -20.13 -17.46
N GLU A 17 -0.66 -20.80 -16.46
N GLU A 17 -0.62 -20.88 -16.49
CA GLU A 17 -1.67 -21.79 -16.75
CA GLU A 17 -1.70 -21.83 -16.79
C GLU A 17 -2.96 -21.63 -15.96
C GLU A 17 -2.96 -21.62 -15.97
N GLY A 18 -4.11 -21.76 -16.62
CA GLY A 18 -5.39 -21.73 -15.92
C GLY A 18 -5.71 -20.31 -15.46
N VAL A 19 -6.64 -20.17 -14.53
CA VAL A 19 -7.07 -18.87 -13.94
C VAL A 19 -6.23 -18.59 -12.69
N VAL A 20 -5.61 -17.42 -12.63
CA VAL A 20 -4.63 -17.13 -11.63
C VAL A 20 -4.93 -15.71 -11.14
N LEU A 21 -4.84 -15.50 -9.82
CA LEU A 21 -4.89 -14.14 -9.25
C LEU A 21 -3.49 -13.88 -8.71
N ALA A 22 -2.84 -12.80 -9.21
CA ALA A 22 -1.50 -12.47 -8.77
C ALA A 22 -1.46 -11.20 -8.01
N ASP A 23 -0.79 -11.25 -6.86
CA ASP A 23 -0.73 -10.14 -5.94
C ASP A 23 0.71 -9.62 -5.90
N PHE A 24 0.87 -8.38 -6.36
CA PHE A 24 2.11 -7.62 -6.25
C PHE A 24 2.04 -6.77 -4.98
N TRP A 25 2.89 -7.09 -4.03
CA TRP A 25 2.87 -6.45 -2.72
C TRP A 25 4.25 -6.27 -2.16
N ALA A 26 4.39 -5.55 -1.05
CA ALA A 26 5.73 -5.52 -0.36
C ALA A 26 5.56 -5.16 1.08
N PRO A 27 6.36 -5.77 1.94
CA PRO A 27 6.38 -5.34 3.33
C PRO A 27 6.50 -3.81 3.52
N TRP A 28 7.33 -3.16 2.72
CA TRP A 28 7.53 -1.71 2.86
C TRP A 28 6.22 -0.93 2.67
N CYS A 29 5.27 -1.46 1.87
CA CYS A 29 3.99 -0.84 1.67
C CYS A 29 3.00 -1.49 2.63
N GLY A 30 3.08 -0.94 3.85
CA GLY A 30 2.68 -1.60 5.10
C GLY A 30 1.37 -2.23 4.77
N PRO A 31 0.49 -1.38 4.24
CA PRO A 31 -0.79 -1.52 3.61
C PRO A 31 -1.08 -2.73 2.77
N SER A 32 -0.30 -2.89 1.68
CA SER A 32 -0.41 -3.96 0.66
C SER A 32 -0.45 -5.33 1.31
N LYS A 33 -0.07 -5.37 2.59
CA LYS A 33 -0.24 -6.53 3.42
C LYS A 33 -1.71 -6.83 3.71
N MET A 34 -2.58 -5.81 3.64
CA MET A 34 -3.97 -5.96 4.05
C MET A 34 -4.65 -6.93 3.10
N ILE A 35 -4.09 -7.11 1.91
CA ILE A 35 -4.63 -8.03 0.91
C ILE A 35 -4.45 -9.48 1.38
N ALA A 36 -3.45 -9.73 2.22
CA ALA A 36 -3.02 -11.12 2.50
C ALA A 36 -4.16 -12.00 3.13
N PRO A 37 -4.84 -11.49 4.19
CA PRO A 37 -6.03 -12.13 4.70
C PRO A 37 -7.16 -12.26 3.65
N VAL A 38 -7.30 -11.28 2.76
CA VAL A 38 -8.32 -11.37 1.69
C VAL A 38 -8.09 -12.62 0.82
N LEU A 39 -6.84 -12.81 0.40
CA LEU A 39 -6.37 -13.96 -0.39
C LEU A 39 -6.62 -15.26 0.33
N GLU A 40 -6.45 -15.24 1.64
CA GLU A 40 -6.79 -16.41 2.41
C GLU A 40 -8.26 -16.76 2.33
N GLU A 41 -9.14 -15.77 2.41
CA GLU A 41 -10.57 -16.08 2.37
C GLU A 41 -10.90 -16.60 0.96
N LEU A 42 -10.39 -15.92 -0.05
CA LEU A 42 -10.65 -16.31 -1.43
C LEU A 42 -10.09 -17.69 -1.71
N ASP A 43 -8.93 -18.00 -1.16
CA ASP A 43 -8.36 -19.35 -1.32
C ASP A 43 -9.27 -20.41 -0.71
N GLN A 44 -9.85 -20.11 0.47
CA GLN A 44 -10.81 -21.00 1.12
C GLN A 44 -12.05 -21.27 0.26
N GLU A 45 -12.54 -20.22 -0.39
CA GLU A 45 -13.81 -20.30 -1.14
C GLU A 45 -13.60 -20.82 -2.55
N MET A 46 -12.47 -20.47 -3.17
CA MET A 46 -12.31 -20.70 -4.62
C MET A 46 -11.12 -21.56 -5.03
N GLY A 47 -10.41 -22.12 -4.07
CA GLY A 47 -9.08 -22.69 -4.29
C GLY A 47 -9.03 -23.81 -5.29
N ASP A 48 -10.17 -24.49 -5.50
N ASP A 48 -10.18 -24.45 -5.47
CA ASP A 48 -10.23 -25.52 -6.53
CA ASP A 48 -10.33 -25.50 -6.47
C ASP A 48 -10.07 -24.98 -7.96
C ASP A 48 -10.31 -25.04 -7.92
N LYS A 49 -10.47 -23.74 -8.16
CA LYS A 49 -10.62 -23.18 -9.49
C LYS A 49 -9.69 -22.01 -9.70
N LEU A 50 -9.04 -21.55 -8.65
CA LEU A 50 -8.19 -20.34 -8.71
C LEU A 50 -6.86 -20.55 -8.02
N LYS A 51 -5.77 -20.25 -8.73
CA LYS A 51 -4.42 -20.35 -8.20
C LYS A 51 -4.04 -18.96 -7.80
N ILE A 52 -3.63 -18.79 -6.55
CA ILE A 52 -3.24 -17.45 -6.07
C ILE A 52 -1.72 -17.39 -5.99
N VAL A 53 -1.14 -16.34 -6.56
CA VAL A 53 0.30 -16.20 -6.58
C VAL A 53 0.60 -14.85 -5.99
N LYS A 54 1.47 -14.86 -4.99
CA LYS A 54 2.01 -13.61 -4.40
C LYS A 54 3.44 -13.32 -4.83
N ILE A 55 3.79 -12.05 -5.07
CA ILE A 55 5.24 -11.75 -5.31
C ILE A 55 5.60 -10.46 -4.59
N ASP A 56 6.55 -10.60 -3.65
CA ASP A 56 7.05 -9.53 -2.82
C ASP A 56 8.00 -8.79 -3.71
N VAL A 57 7.61 -7.60 -4.14
CA VAL A 57 8.35 -6.80 -5.14
CA VAL A 57 8.34 -6.83 -5.12
C VAL A 57 9.62 -6.11 -4.57
N ASP A 58 9.71 -6.06 -3.24
CA ASP A 58 10.92 -5.66 -2.48
C ASP A 58 12.03 -6.67 -2.75
N GLU A 59 11.72 -7.97 -2.60
CA GLU A 59 12.69 -9.05 -2.86
C GLU A 59 12.89 -9.32 -4.35
N ASN A 60 11.82 -9.19 -5.10
CA ASN A 60 11.79 -9.57 -6.48
C ASN A 60 11.52 -8.34 -7.31
N GLN A 61 12.59 -7.74 -7.78
CA GLN A 61 12.62 -6.37 -8.26
CA GLN A 61 12.47 -6.37 -8.26
C GLN A 61 12.30 -6.24 -9.77
N GLU A 62 12.32 -7.35 -10.48
CA GLU A 62 12.19 -7.32 -11.94
C GLU A 62 10.79 -7.57 -12.45
N THR A 63 9.96 -8.26 -11.68
CA THR A 63 8.65 -8.71 -12.25
C THR A 63 7.71 -7.55 -12.49
N ALA A 64 7.67 -6.61 -11.55
CA ALA A 64 6.70 -5.48 -11.62
C ALA A 64 6.74 -4.80 -12.96
N GLY A 65 7.96 -4.52 -13.45
CA GLY A 65 8.21 -3.75 -14.69
C GLY A 65 7.75 -4.53 -15.87
N LYS A 66 7.92 -5.85 -15.84
CA LYS A 66 7.44 -6.69 -16.93
C LYS A 66 5.94 -6.76 -17.11
N TYR A 67 5.19 -6.41 -16.03
CA TYR A 67 3.70 -6.37 -16.04
C TYR A 67 3.10 -4.98 -15.89
N GLY A 68 3.89 -3.95 -16.01
CA GLY A 68 3.47 -2.58 -15.95
C GLY A 68 2.91 -2.19 -14.60
N VAL A 69 3.38 -2.87 -13.56
CA VAL A 69 2.88 -2.55 -12.20
C VAL A 69 3.59 -1.27 -11.74
N MET A 70 2.84 -0.20 -11.55
N MET A 70 2.78 -0.22 -11.58
CA MET A 70 3.46 1.06 -11.17
CA MET A 70 3.22 1.14 -11.29
C MET A 70 3.25 1.43 -9.73
C MET A 70 3.07 1.56 -9.83
N SER A 71 2.32 0.77 -9.08
CA SER A 71 2.14 1.05 -7.66
C SER A 71 1.67 -0.22 -7.04
N ILE A 72 1.83 -0.31 -5.73
CA ILE A 72 1.44 -1.54 -5.06
C ILE A 72 0.49 -1.17 -3.92
N PRO A 73 -0.53 -2.04 -3.60
CA PRO A 73 -0.70 -3.32 -4.31
C PRO A 73 -1.35 -3.21 -5.68
N THR A 74 -1.04 -4.16 -6.56
CA THR A 74 -1.77 -4.32 -7.82
C THR A 74 -2.02 -5.80 -7.88
N LEU A 75 -3.26 -6.18 -8.17
CA LEU A 75 -3.62 -7.58 -8.44
C LEU A 75 -3.97 -7.78 -9.88
N LEU A 76 -3.62 -8.93 -10.42
CA LEU A 76 -3.98 -9.20 -11.80
C LEU A 76 -4.77 -10.49 -11.78
N VAL A 77 -5.68 -10.62 -12.75
CA VAL A 77 -6.31 -11.91 -13.08
C VAL A 77 -5.69 -12.29 -14.40
N LEU A 78 -5.24 -13.52 -14.47
CA LEU A 78 -4.62 -14.12 -15.71
C LEU A 78 -5.43 -15.34 -16.09
N LYS A 79 -5.71 -15.51 -17.37
CA LYS A 79 -6.23 -16.75 -17.88
C LYS A 79 -5.25 -17.29 -18.93
N ASP A 80 -4.72 -18.47 -18.66
CA ASP A 80 -3.78 -19.10 -19.55
C ASP A 80 -2.64 -18.14 -19.85
N GLY A 81 -2.26 -17.32 -18.87
CA GLY A 81 -1.04 -16.56 -19.02
C GLY A 81 -1.28 -15.18 -19.65
N GLU A 82 -2.56 -14.86 -19.92
CA GLU A 82 -2.89 -13.55 -20.49
C GLU A 82 -3.53 -12.78 -19.36
N VAL A 83 -3.12 -11.56 -19.07
CA VAL A 83 -3.85 -10.65 -18.12
C VAL A 83 -5.22 -10.28 -18.67
N VAL A 84 -6.25 -10.62 -17.90
CA VAL A 84 -7.66 -10.32 -18.25
C VAL A 84 -8.39 -9.39 -17.30
N GLU A 85 -7.78 -9.10 -16.14
CA GLU A 85 -8.22 -8.00 -15.30
C GLU A 85 -6.99 -7.44 -14.52
N THR A 86 -7.07 -6.15 -14.22
CA THR A 86 -6.12 -5.39 -13.44
C THR A 86 -6.91 -4.72 -12.34
N SER A 87 -6.36 -4.79 -11.12
CA SER A 87 -7.06 -4.22 -9.92
C SER A 87 -5.98 -3.47 -9.14
N VAL A 88 -5.95 -2.17 -9.21
CA VAL A 88 -4.95 -1.38 -8.50
C VAL A 88 -5.52 -0.87 -7.18
N GLY A 89 -4.77 -1.07 -6.11
CA GLY A 89 -5.14 -0.60 -4.78
C GLY A 89 -5.79 -1.70 -3.98
N PHE A 90 -6.17 -1.34 -2.75
CA PHE A 90 -6.91 -2.32 -1.90
C PHE A 90 -8.31 -2.63 -2.44
N LYS A 91 -8.69 -3.92 -2.47
CA LYS A 91 -10.10 -4.28 -2.72
C LYS A 91 -10.57 -5.39 -1.79
N PRO A 92 -11.82 -5.36 -1.34
CA PRO A 92 -12.22 -6.44 -0.44
C PRO A 92 -12.53 -7.77 -1.12
N LYS A 93 -12.77 -8.81 -0.32
CA LYS A 93 -12.96 -10.15 -0.90
C LYS A 93 -14.05 -10.15 -1.99
N GLU A 94 -15.18 -9.54 -1.70
CA GLU A 94 -16.31 -9.51 -2.64
C GLU A 94 -15.97 -8.92 -4.04
N ALA A 95 -15.24 -7.79 -4.04
CA ALA A 95 -14.76 -7.17 -5.26
C ALA A 95 -13.82 -8.11 -6.06
N LEU A 96 -12.87 -8.78 -5.39
CA LEU A 96 -11.96 -9.68 -6.10
C LEU A 96 -12.67 -10.94 -6.61
N GLN A 97 -13.64 -11.44 -5.82
CA GLN A 97 -14.48 -12.57 -6.20
C GLN A 97 -15.23 -12.21 -7.49
N GLU A 98 -15.78 -10.98 -7.54
CA GLU A 98 -16.47 -10.51 -8.76
C GLU A 98 -15.56 -10.57 -9.96
N LEU A 99 -14.34 -10.07 -9.82
CA LEU A 99 -13.37 -10.07 -10.94
C LEU A 99 -13.00 -11.43 -11.44
N VAL A 100 -12.63 -12.35 -10.54
CA VAL A 100 -12.30 -13.71 -10.90
C VAL A 100 -13.43 -14.49 -11.58
N ASN A 101 -14.64 -14.26 -11.02
CA ASN A 101 -15.83 -14.96 -11.49
C ASN A 101 -16.14 -14.62 -12.93
N LYS A 102 -15.75 -13.40 -13.35
CA LYS A 102 -15.90 -13.05 -14.80
C LYS A 102 -15.09 -13.99 -15.72
N HIS A 103 -14.25 -14.87 -15.15
CA HIS A 103 -13.40 -15.68 -15.88
C HIS A 103 -13.52 -17.14 -15.53
N LEU A 104 -14.59 -17.47 -14.82
CA LEU A 104 -14.89 -18.86 -14.48
C LEU A 104 -16.28 -19.19 -15.02
N LEU A 105 -16.52 -20.46 -15.24
CA LEU A 105 -17.82 -20.95 -15.79
C LEU A 105 -18.95 -20.56 -14.85
N GLU A 106 -20.05 -20.06 -15.41
CA GLU A 106 -21.27 -19.81 -14.64
C GLU A 106 -22.08 -21.07 -14.54
N HIS A 107 -22.01 -21.92 -15.56
CA HIS A 107 -22.85 -23.09 -15.68
C HIS A 107 -21.97 -24.33 -15.78
N HIS A 108 -22.49 -25.48 -15.40
CA HIS A 108 -21.81 -26.75 -15.54
C HIS A 108 -22.82 -27.71 -16.05
N HIS A 109 -22.82 -27.91 -17.35
CA HIS A 109 -23.86 -28.68 -18.03
C HIS A 109 -23.64 -30.17 -17.76
N HIS A 110 -24.72 -30.85 -17.40
CA HIS A 110 -24.74 -32.29 -17.20
C HIS A 110 -25.50 -32.90 -18.38
N HIS A 111 -24.84 -33.79 -19.13
CA HIS A 111 -25.37 -34.27 -20.43
C HIS A 111 -26.38 -35.42 -20.31
N ALA B 2 -1.51 24.61 3.22
CA ALA B 2 -0.38 25.20 3.95
C ALA B 2 0.49 24.00 4.35
N ILE B 3 0.31 22.91 3.63
CA ILE B 3 1.09 21.72 3.89
C ILE B 3 2.44 21.95 3.28
N VAL B 4 3.50 21.48 3.93
CA VAL B 4 4.83 21.69 3.37
C VAL B 4 5.33 20.39 2.76
N LYS B 5 5.85 20.43 1.52
CA LYS B 5 6.56 19.33 0.86
C LYS B 5 8.02 19.41 1.24
N ALA B 6 8.47 18.51 2.08
CA ALA B 6 9.90 18.45 2.44
C ALA B 6 10.80 17.64 1.56
N THR B 7 12.11 17.91 1.65
CA THR B 7 13.10 17.10 1.00
C THR B 7 14.01 16.50 2.10
N ASP B 8 14.89 15.60 1.69
CA ASP B 8 15.85 15.08 2.66
C ASP B 8 16.64 16.20 3.31
N GLN B 9 16.97 17.24 2.56
CA GLN B 9 17.67 18.35 3.13
C GLN B 9 16.88 19.23 4.10
N SER B 10 15.57 19.40 3.89
CA SER B 10 14.82 20.40 4.66
C SER B 10 13.99 19.76 5.76
N PHE B 11 13.83 18.44 5.71
CA PHE B 11 12.92 17.73 6.65
C PHE B 11 13.16 18.06 8.14
N SER B 12 14.41 17.95 8.61
CA SER B 12 14.68 18.17 10.05
C SER B 12 14.32 19.61 10.44
N ALA B 13 14.70 20.58 9.62
CA ALA B 13 14.39 21.99 9.86
C ALA B 13 12.90 22.26 9.79
N GLU B 14 12.19 21.67 8.82
CA GLU B 14 10.75 21.91 8.73
C GLU B 14 9.99 21.34 9.87
N THR B 15 10.53 20.33 10.54
CA THR B 15 9.76 19.66 11.64
C THR B 15 10.35 19.99 13.01
N SER B 16 11.22 21.00 13.09
CA SER B 16 11.97 21.27 14.30
C SER B 16 11.24 22.09 15.36
N GLU B 17 10.22 22.82 14.95
CA GLU B 17 9.49 23.75 15.83
C GLU B 17 7.97 23.55 15.93
N GLY B 18 7.43 23.68 17.13
CA GLY B 18 6.00 23.71 17.41
C GLY B 18 5.43 22.33 17.17
N VAL B 19 4.11 22.26 16.98
CA VAL B 19 3.47 20.95 16.76
C VAL B 19 3.42 20.64 15.27
N VAL B 20 3.90 19.44 14.91
CA VAL B 20 4.09 19.09 13.51
C VAL B 20 3.50 17.71 13.33
N LEU B 21 2.75 17.53 12.25
CA LEU B 21 2.34 16.22 11.76
C LEU B 21 3.20 15.93 10.50
N ALA B 22 3.97 14.84 10.52
CA ALA B 22 4.81 14.50 9.33
C ALA B 22 4.34 13.20 8.70
N ASP B 23 4.14 13.20 7.40
CA ASP B 23 3.63 12.09 6.60
C ASP B 23 4.68 11.52 5.71
N PHE B 24 5.06 10.28 5.98
CA PHE B 24 5.96 9.53 5.13
C PHE B 24 5.15 8.67 4.16
N TRP B 25 5.27 8.98 2.87
CA TRP B 25 4.48 8.36 1.80
C TRP B 25 5.26 8.17 0.54
N ALA B 26 4.69 7.46 -0.44
CA ALA B 26 5.36 7.34 -1.75
C ALA B 26 4.29 7.04 -2.76
N PRO B 27 4.39 7.62 -3.95
CA PRO B 27 3.48 7.24 -5.02
C PRO B 27 3.43 5.73 -5.32
N TRP B 28 4.58 5.06 -5.12
N TRP B 28 4.53 5.08 -5.15
CA TRP B 28 4.74 3.58 -5.29
CA TRP B 28 4.54 3.67 -5.44
C TRP B 28 3.89 2.75 -4.33
C TRP B 28 3.65 2.88 -4.48
N CYS B 29 3.48 3.37 -3.22
CA CYS B 29 2.56 2.76 -2.27
C CYS B 29 1.20 3.41 -2.35
N GLY B 30 0.29 2.87 -3.17
CA GLY B 30 -1.20 3.34 -3.08
C GLY B 30 -1.86 3.63 -1.72
N PRO B 31 -1.76 2.73 -0.68
CA PRO B 31 -2.30 3.17 0.61
C PRO B 31 -1.73 4.47 1.19
N SER B 32 -0.50 4.81 0.83
CA SER B 32 0.09 5.99 1.39
C SER B 32 -0.53 7.26 0.77
N LYS B 33 -1.05 7.16 -0.44
CA LYS B 33 -1.63 8.30 -1.10
C LYS B 33 -3.00 8.71 -0.50
N MET B 34 -3.68 7.72 0.07
CA MET B 34 -4.96 7.90 0.72
C MET B 34 -4.86 8.94 1.86
N ILE B 35 -3.67 9.12 2.43
CA ILE B 35 -3.50 10.12 3.50
C ILE B 35 -3.69 11.57 3.04
N ALA B 36 -3.50 11.86 1.76
CA ALA B 36 -3.48 13.26 1.29
C ALA B 36 -4.74 14.10 1.51
N PRO B 37 -5.93 13.64 1.07
CA PRO B 37 -7.13 14.40 1.34
C PRO B 37 -7.36 14.65 2.83
N VAL B 38 -6.96 13.66 3.65
CA VAL B 38 -7.06 13.73 5.14
C VAL B 38 -6.24 14.89 5.64
N LEU B 39 -5.02 14.99 5.14
CA LEU B 39 -4.16 16.10 5.52
C LEU B 39 -4.71 17.44 5.08
N GLU B 40 -5.33 17.49 3.90
CA GLU B 40 -5.92 18.76 3.42
C GLU B 40 -7.07 19.17 4.36
N GLU B 41 -7.80 18.17 4.85
CA GLU B 41 -8.93 18.46 5.73
C GLU B 41 -8.41 18.94 7.07
N LEU B 42 -7.38 18.25 7.59
CA LEU B 42 -6.71 18.66 8.80
C LEU B 42 -6.15 20.06 8.72
N ASP B 43 -5.59 20.43 7.58
CA ASP B 43 -5.05 21.76 7.45
C ASP B 43 -6.20 22.77 7.50
N GLN B 44 -7.27 22.46 6.80
CA GLN B 44 -8.43 23.38 6.85
C GLN B 44 -8.95 23.55 8.25
N GLU B 45 -8.92 22.47 9.02
CA GLU B 45 -9.50 22.51 10.33
C GLU B 45 -8.63 23.12 11.43
N MET B 46 -7.32 22.94 11.30
CA MET B 46 -6.45 23.32 12.41
C MET B 46 -5.08 23.79 11.94
N GLY B 47 -5.04 24.35 10.75
CA GLY B 47 -3.78 24.78 10.14
C GLY B 47 -3.04 25.90 10.85
N ASP B 48 -3.69 26.69 11.68
CA ASP B 48 -3.04 27.74 12.44
C ASP B 48 -2.32 27.16 13.65
N LYS B 49 -2.64 25.94 14.05
CA LYS B 49 -2.09 25.36 15.29
C LYS B 49 -1.21 24.15 14.97
N LEU B 50 -1.31 23.66 13.75
CA LEU B 50 -0.62 22.46 13.31
C LEU B 50 0.12 22.67 11.98
N LYS B 51 1.41 22.30 11.87
CA LYS B 51 2.16 22.40 10.63
C LYS B 51 2.16 20.99 10.14
N ILE B 52 1.84 20.80 8.87
CA ILE B 52 1.86 19.46 8.28
C ILE B 52 3.00 19.39 7.24
N VAL B 53 3.80 18.35 7.36
CA VAL B 53 4.97 18.18 6.50
C VAL B 53 4.87 16.83 5.84
N LYS B 54 4.93 16.80 4.53
CA LYS B 54 4.95 15.55 3.77
C LYS B 54 6.33 15.28 3.24
N ILE B 55 6.68 13.99 3.18
CA ILE B 55 7.92 13.62 2.56
C ILE B 55 7.73 12.32 1.70
N ASP B 56 7.96 12.48 0.43
CA ASP B 56 7.92 11.37 -0.53
C ASP B 56 9.18 10.58 -0.41
N VAL B 57 9.10 9.37 0.16
CA VAL B 57 10.32 8.63 0.53
C VAL B 57 10.95 7.99 -0.70
N ASP B 58 10.20 7.92 -1.79
CA ASP B 58 10.83 7.48 -3.05
C ASP B 58 11.77 8.49 -3.60
N GLU B 59 11.50 9.78 -3.41
CA GLU B 59 12.46 10.81 -3.85
C GLU B 59 13.38 11.26 -2.73
N ASN B 60 13.09 10.87 -1.51
CA ASN B 60 13.84 11.32 -0.38
C ASN B 60 14.06 10.15 0.52
N GLN B 61 14.95 9.26 0.14
CA GLN B 61 15.03 8.01 0.88
C GLN B 61 15.84 8.06 2.15
N GLU B 62 16.62 9.12 2.34
CA GLU B 62 17.48 9.27 3.47
C GLU B 62 16.71 9.46 4.77
N THR B 63 15.61 10.20 4.68
CA THR B 63 14.90 10.68 5.87
C THR B 63 14.22 9.47 6.52
N ALA B 64 13.70 8.53 5.74
CA ALA B 64 12.99 7.42 6.36
C ALA B 64 13.96 6.70 7.28
N GLY B 65 15.21 6.51 6.85
CA GLY B 65 16.17 5.77 7.69
C GLY B 65 16.46 6.52 8.97
N LYS B 66 16.52 7.83 8.92
CA LYS B 66 16.93 8.64 10.04
C LYS B 66 15.84 8.69 11.10
N TYR B 67 14.64 8.40 10.66
CA TYR B 67 13.48 8.44 11.61
C TYR B 67 12.91 7.06 11.90
N GLY B 68 13.64 6.02 11.48
CA GLY B 68 13.25 4.64 11.73
C GLY B 68 11.97 4.21 11.06
N VAL B 69 11.57 4.90 10.01
CA VAL B 69 10.40 4.50 9.24
C VAL B 69 10.69 3.21 8.48
N MET B 70 9.94 2.16 8.75
N MET B 70 9.92 2.19 8.80
CA MET B 70 10.16 0.87 8.08
CA MET B 70 10.10 0.85 8.24
C MET B 70 9.07 0.43 7.15
C MET B 70 9.11 0.47 7.18
N SER B 71 7.99 1.18 7.15
CA SER B 71 6.94 0.90 6.16
C SER B 71 6.17 2.19 5.99
N ILE B 72 5.36 2.20 4.96
CA ILE B 72 4.65 3.43 4.56
C ILE B 72 3.21 3.05 4.32
N PRO B 73 2.29 3.94 4.70
CA PRO B 73 2.69 5.20 5.33
C PRO B 73 3.01 5.09 6.84
N THR B 74 3.72 6.11 7.33
CA THR B 74 3.96 6.31 8.73
C THR B 74 3.79 7.79 8.92
N LEU B 75 3.05 8.14 9.96
CA LEU B 75 2.89 9.52 10.38
C LEU B 75 3.51 9.73 11.71
N LEU B 76 4.09 10.87 11.93
CA LEU B 76 4.70 11.17 13.24
C LEU B 76 4.03 12.46 13.71
N VAL B 77 3.80 12.58 15.01
CA VAL B 77 3.61 13.87 15.61
C VAL B 77 4.92 14.27 16.33
N LEU B 78 5.35 15.53 16.12
CA LEU B 78 6.49 16.05 16.85
C LEU B 78 6.13 17.30 17.54
N LYS B 79 6.75 17.48 18.70
CA LYS B 79 6.63 18.70 19.44
C LYS B 79 8.01 19.23 19.71
N ASP B 80 8.27 20.42 19.15
CA ASP B 80 9.61 21.06 19.21
C ASP B 80 10.72 20.12 18.79
N GLY B 81 10.48 19.37 17.74
CA GLY B 81 11.51 18.54 17.18
C GLY B 81 11.68 17.17 17.83
N GLU B 82 10.82 16.84 18.80
CA GLU B 82 10.82 15.52 19.43
C GLU B 82 9.64 14.74 18.94
N VAL B 83 9.87 13.50 18.51
CA VAL B 83 8.76 12.64 18.12
C VAL B 83 8.00 12.28 19.40
N VAL B 84 6.70 12.61 19.37
CA VAL B 84 5.83 12.33 20.49
C VAL B 84 4.70 11.36 20.18
N GLU B 85 4.40 11.06 18.92
CA GLU B 85 3.51 9.95 18.58
C GLU B 85 4.01 9.37 17.27
N THR B 86 3.74 8.09 17.08
CA THR B 86 4.03 7.41 15.84
C THR B 86 2.78 6.64 15.46
N SER B 87 2.43 6.72 14.15
CA SER B 87 1.25 6.10 13.62
C SER B 87 1.63 5.36 12.35
N VAL B 88 1.65 4.06 12.41
CA VAL B 88 1.97 3.21 11.27
C VAL B 88 0.74 2.69 10.56
N GLY B 89 0.65 2.86 9.25
CA GLY B 89 -0.55 2.43 8.47
C GLY B 89 -1.47 3.60 8.19
N PHE B 90 -2.51 3.29 7.45
CA PHE B 90 -3.61 4.26 7.34
C PHE B 90 -4.42 4.49 8.67
N LYS B 91 -4.69 5.76 8.97
CA LYS B 91 -5.65 6.14 10.03
C LYS B 91 -6.56 7.25 9.53
N PRO B 92 -7.82 7.24 9.95
CA PRO B 92 -8.70 8.31 9.48
C PRO B 92 -8.43 9.61 10.16
N LYS B 93 -8.96 10.68 9.58
CA LYS B 93 -8.84 12.03 10.12
C LYS B 93 -9.07 12.13 11.64
N GLU B 94 -10.12 11.50 12.12
CA GLU B 94 -10.50 11.66 13.52
CA GLU B 94 -10.53 11.61 13.53
C GLU B 94 -9.41 11.11 14.44
N ALA B 95 -8.85 9.93 14.09
CA ALA B 95 -7.72 9.31 14.80
C ALA B 95 -6.46 10.20 14.79
N LEU B 96 -6.15 10.80 13.65
CA LEU B 96 -4.99 11.67 13.60
C LEU B 96 -5.21 12.97 14.38
N GLN B 97 -6.42 13.53 14.24
CA GLN B 97 -6.84 14.73 14.98
C GLN B 97 -6.62 14.51 16.47
N GLU B 98 -7.06 13.33 16.94
CA GLU B 98 -6.89 12.96 18.36
C GLU B 98 -5.44 12.87 18.85
N LEU B 99 -4.58 12.26 18.02
CA LEU B 99 -3.11 12.23 18.21
C LEU B 99 -2.48 13.60 18.32
N VAL B 100 -2.81 14.50 17.42
CA VAL B 100 -2.35 15.85 17.52
C VAL B 100 -2.84 16.61 18.74
N ASN B 101 -4.13 16.43 19.02
CA ASN B 101 -4.79 17.16 20.11
C ASN B 101 -4.23 16.85 21.48
N LYS B 102 -3.72 15.63 21.66
CA LYS B 102 -2.95 15.25 22.86
C LYS B 102 -1.70 16.14 23.05
N HIS B 103 -1.28 16.93 22.04
CA HIS B 103 -0.07 17.71 22.14
C HIS B 103 -0.27 19.20 21.97
N LEU B 104 -1.51 19.62 21.93
CA LEU B 104 -1.79 21.07 21.88
C LEU B 104 -1.90 21.63 23.29
N LEU B 105 -1.87 22.97 23.39
CA LEU B 105 -1.94 23.69 24.68
C LEU B 105 -0.64 23.59 25.49
C1 PEG C . 4.23 -4.64 -19.63
O1 PEG C . 2.80 -4.73 -19.44
C2 PEG C . 4.74 -5.67 -20.61
O2 PEG C . 6.12 -5.46 -20.91
C3 PEG C . 6.77 -4.36 -20.23
C4 PEG C . 7.83 -3.69 -21.11
O4 PEG C . 7.85 -2.25 -20.91
#